data_4ZMI
#
_entry.id   4ZMI
#
_cell.length_a   68.010
_cell.length_b   160.102
_cell.length_c   50.084
_cell.angle_alpha   90.000
_cell.angle_beta   90.000
_cell.angle_gamma   90.000
#
_symmetry.space_group_name_H-M   'C 2 2 2'
#
loop_
_entity.id
_entity.type
_entity.pdbx_description
1 polymer 'Telomere length regulator taz1'
2 non-polymer 'MAGNESIUM ION'
3 non-polymer 'COBALT (II) ION'
4 water water
#
_entity_poly.entity_id   1
_entity_poly.type   'polypeptide(L)'
_entity_poly.pdbx_seq_one_letter_code
;SIWDIEKASLLVNDCQNIANMAEQKVMMVSAIFSESSKDIVNPESFSERLGKETVKDLYEFNEQLTTKYGLEFRTIFFSY
IRKYDAYWCLFEDLEKPLKSIQFFTGLIDLLDNTNKHLTLRSIVLDALLSADEEDSFYGDALVLFEELVIRYFGTDSNPS
IDASEFILSCLPYTSLDALNVVCGQVWKSQKICDFLKSTIGNTSNSPLQLRASFPAFVNAVIHFLLEFKNVRRLE
;
_entity_poly.pdbx_strand_id   A
#
loop_
_chem_comp.id
_chem_comp.type
_chem_comp.name
_chem_comp.formula
CO non-polymer 'COBALT (II) ION' 'Co 2'
MG non-polymer 'MAGNESIUM ION' 'Mg 2'
#
# COMPACT_ATOMS: atom_id res chain seq x y z
N SER A 1 7.36 -5.04 -14.80
CA SER A 1 6.01 -5.48 -15.15
C SER A 1 5.35 -4.41 -16.03
N ILE A 2 4.52 -4.85 -16.98
CA ILE A 2 3.79 -3.95 -17.86
C ILE A 2 2.31 -3.95 -17.52
N TRP A 3 1.78 -2.77 -17.25
CA TRP A 3 0.37 -2.64 -16.90
C TRP A 3 -0.37 -2.76 -18.25
N ASP A 4 -1.21 -3.77 -18.36
CA ASP A 4 -2.10 -3.99 -19.50
C ASP A 4 -2.70 -2.62 -19.87
N ILE A 5 -2.52 -2.21 -21.13
CA ILE A 5 -2.82 -0.83 -21.54
C ILE A 5 -4.31 -0.76 -21.81
N GLU A 6 -4.85 -1.86 -22.31
CA GLU A 6 -6.28 -1.97 -22.52
C GLU A 6 -7.02 -1.93 -21.20
N LYS A 7 -6.59 -2.74 -20.22
CA LYS A 7 -7.24 -2.74 -18.89
C LYS A 7 -7.08 -1.41 -18.17
N ALA A 8 -5.91 -0.80 -18.30
CA ALA A 8 -5.67 0.48 -17.65
C ALA A 8 -6.58 1.50 -18.29
N SER A 9 -6.77 1.34 -19.60
CA SER A 9 -7.59 2.26 -20.37
C SER A 9 -9.04 2.17 -19.91
N LEU A 10 -9.55 0.94 -19.77
CA LEU A 10 -10.83 0.73 -19.09
C LEU A 10 -10.93 1.45 -17.74
N LEU A 11 -9.82 1.50 -16.99
CA LEU A 11 -9.86 2.12 -15.65
C LEU A 11 -10.12 3.63 -15.79
N VAL A 12 -9.55 4.24 -16.83
CA VAL A 12 -9.83 5.65 -17.11
C VAL A 12 -11.34 5.88 -17.24
N ASN A 13 -12.02 4.97 -17.94
CA ASN A 13 -13.46 5.06 -18.17
C ASN A 13 -14.31 4.90 -16.90
N ASP A 14 -14.01 3.90 -16.08
CA ASP A 14 -14.82 3.60 -14.91
C ASP A 14 -14.26 4.20 -13.64
N CYS A 15 -13.36 5.15 -13.81
CA CYS A 15 -12.54 5.63 -12.71
C CYS A 15 -13.36 6.24 -11.59
N GLN A 16 -14.06 7.32 -11.90
CA GLN A 16 -14.79 8.03 -10.87
C GLN A 16 -15.84 7.14 -10.22
N ASN A 17 -16.45 6.25 -10.99
CA ASN A 17 -17.48 5.36 -10.46
C ASN A 17 -16.97 4.31 -9.48
N ILE A 18 -15.90 3.60 -9.86
CA ILE A 18 -15.31 2.60 -8.98
C ILE A 18 -14.78 3.30 -7.75
N ALA A 19 -14.18 4.47 -7.96
CA ALA A 19 -13.72 5.29 -6.84
C ALA A 19 -14.84 5.56 -5.84
N ASN A 20 -16.03 5.84 -6.34
CA ASN A 20 -17.18 6.11 -5.47
C ASN A 20 -17.58 4.93 -4.60
N MET A 21 -17.77 3.77 -5.23
CA MET A 21 -18.09 2.56 -4.48
C MET A 21 -16.94 2.26 -3.50
N ALA A 22 -15.73 2.64 -3.88
CA ALA A 22 -14.56 2.45 -3.05
C ALA A 22 -14.65 3.27 -1.78
N GLU A 23 -15.00 4.55 -1.91
CA GLU A 23 -15.06 5.43 -0.75
C GLU A 23 -16.26 5.14 0.13
N GLN A 24 -17.22 4.40 -0.43
CA GLN A 24 -18.33 3.89 0.35
C GLN A 24 -17.78 2.92 1.38
N LYS A 25 -17.05 1.91 0.91
CA LYS A 25 -16.58 0.85 1.79
C LYS A 25 -15.49 1.30 2.75
N VAL A 26 -14.77 2.35 2.37
CA VAL A 26 -13.76 2.90 3.27
C VAL A 26 -14.47 3.50 4.48
N MET A 27 -15.45 4.36 4.23
CA MET A 27 -16.20 5.02 5.30
C MET A 27 -16.88 4.00 6.22
N MET A 28 -17.39 2.92 5.64
CA MET A 28 -17.95 1.83 6.42
C MET A 28 -16.89 1.22 7.32
N VAL A 29 -15.85 0.69 6.71
CA VAL A 29 -14.78 0.00 7.45
C VAL A 29 -14.20 0.92 8.50
N SER A 30 -14.03 2.20 8.17
CA SER A 30 -13.45 3.17 9.10
C SER A 30 -14.41 3.51 10.23
N ALA A 31 -15.70 3.57 9.93
CA ALA A 31 -16.70 3.84 10.96
C ALA A 31 -16.75 2.68 11.92
N ILE A 32 -16.81 1.47 11.38
CA ILE A 32 -16.82 0.26 12.19
C ILE A 32 -15.56 0.14 13.03
N PHE A 33 -14.41 0.57 12.50
CA PHE A 33 -13.21 0.60 13.34
C PHE A 33 -13.28 1.65 14.48
N SER A 34 -14.11 2.67 14.32
CA SER A 34 -14.21 3.70 15.33
C SER A 34 -14.94 3.19 16.57
N GLU A 35 -15.82 2.21 16.37
CA GLU A 35 -16.60 1.65 17.47
C GLU A 35 -15.75 0.79 18.39
N SER A 36 -14.85 -0.01 17.80
CA SER A 36 -14.17 -1.06 18.56
C SER A 36 -12.66 -0.93 18.59
N SER A 37 -12.17 0.31 18.60
CA SER A 37 -10.73 0.57 18.58
C SER A 37 -9.93 -0.05 19.73
N LYS A 38 -10.55 -0.88 20.56
CA LYS A 38 -9.80 -1.59 21.60
C LYS A 38 -10.09 -3.10 21.63
N ASP A 39 -11.22 -3.51 21.06
CA ASP A 39 -11.53 -4.94 20.96
C ASP A 39 -10.93 -5.57 19.70
N ILE A 40 -10.64 -4.75 18.69
CA ILE A 40 -10.04 -5.24 17.45
C ILE A 40 -8.54 -5.49 17.68
N VAL A 41 -8.23 -6.70 18.11
CA VAL A 41 -6.90 -7.04 18.60
C VAL A 41 -5.96 -7.51 17.49
N ASN A 42 -6.53 -8.01 16.40
CA ASN A 42 -5.72 -8.46 15.27
C ASN A 42 -6.57 -8.41 14.00
N PRO A 43 -5.95 -8.64 12.83
CA PRO A 43 -6.77 -8.64 11.61
C PRO A 43 -7.96 -9.59 11.69
N GLU A 44 -7.77 -10.79 12.23
CA GLU A 44 -8.88 -11.74 12.33
C GLU A 44 -10.05 -11.16 13.11
N SER A 45 -9.73 -10.39 14.14
CA SER A 45 -10.77 -9.72 14.93
C SER A 45 -11.46 -8.64 14.11
N PHE A 46 -10.66 -7.94 13.32
CA PHE A 46 -11.17 -6.93 12.42
C PHE A 46 -12.18 -7.60 11.50
N SER A 47 -11.88 -8.84 11.12
CA SER A 47 -12.72 -9.59 10.19
C SER A 47 -14.05 -9.97 10.81
N GLU A 48 -14.00 -10.55 11.99
CA GLU A 48 -15.19 -10.95 12.70
C GLU A 48 -16.09 -9.76 12.95
N ARG A 49 -15.53 -8.65 13.40
CA ARG A 49 -16.35 -7.47 13.66
C ARG A 49 -17.00 -6.94 12.38
N LEU A 50 -16.29 -7.01 11.26
CA LEU A 50 -16.86 -6.52 10.01
C LEU A 50 -18.06 -7.36 9.54
N GLY A 51 -17.98 -8.68 9.72
CA GLY A 51 -19.04 -9.57 9.25
C GLY A 51 -18.60 -10.30 8.00
N LYS A 52 -19.01 -11.55 7.84
CA LYS A 52 -18.50 -12.35 6.74
C LYS A 52 -19.01 -11.75 5.44
N GLU A 53 -20.27 -11.40 5.43
CA GLU A 53 -20.90 -10.87 4.22
C GLU A 53 -20.30 -9.52 3.83
N THR A 54 -20.02 -8.69 4.82
CA THR A 54 -19.32 -7.44 4.55
C THR A 54 -17.94 -7.77 3.99
N VAL A 55 -17.24 -8.69 4.63
CA VAL A 55 -15.93 -9.13 4.17
C VAL A 55 -15.99 -9.72 2.76
N LYS A 56 -16.96 -10.61 2.52
CA LYS A 56 -17.07 -11.28 1.24
C LYS A 56 -17.27 -10.24 0.17
N ASP A 57 -18.13 -9.28 0.46
CA ASP A 57 -18.35 -8.18 -0.46
C ASP A 57 -17.07 -7.36 -0.66
N LEU A 58 -16.34 -7.12 0.42
CA LEU A 58 -15.09 -6.39 0.33
C LEU A 58 -14.12 -7.07 -0.65
N TYR A 59 -13.91 -8.38 -0.50
CA TYR A 59 -13.02 -9.11 -1.38
C TYR A 59 -13.53 -9.22 -2.83
N GLU A 60 -14.86 -9.30 -3.01
CA GLU A 60 -15.39 -9.38 -4.38
C GLU A 60 -15.17 -8.07 -5.14
N PHE A 61 -15.39 -6.94 -4.48
CA PHE A 61 -15.14 -5.66 -5.11
C PHE A 61 -13.66 -5.52 -5.47
N ASN A 62 -12.78 -5.94 -4.56
CA ASN A 62 -11.34 -5.89 -4.79
C ASN A 62 -10.91 -6.81 -5.90
N GLU A 63 -11.55 -7.97 -5.96
CA GLU A 63 -11.32 -8.92 -7.03
C GLU A 63 -11.64 -8.35 -8.42
N GLN A 64 -12.81 -7.72 -8.58
CA GLN A 64 -13.19 -7.14 -9.86
C GLN A 64 -12.19 -6.05 -10.22
N LEU A 65 -11.91 -5.18 -9.27
CA LEU A 65 -10.94 -4.10 -9.43
C LEU A 65 -9.62 -4.65 -9.98
N THR A 66 -9.12 -5.67 -9.30
CA THR A 66 -7.84 -6.28 -9.62
C THR A 66 -7.81 -6.97 -10.99
N THR A 67 -8.83 -7.77 -11.27
CA THR A 67 -8.89 -8.53 -12.51
C THR A 67 -9.27 -7.67 -13.69
N LYS A 68 -10.31 -6.86 -13.52
CA LYS A 68 -10.81 -6.05 -14.61
C LYS A 68 -9.80 -4.98 -15.02
N TYR A 69 -9.20 -4.29 -14.05
CA TYR A 69 -8.33 -3.17 -14.36
C TYR A 69 -6.85 -3.48 -14.40
N GLY A 70 -6.52 -4.77 -14.32
CA GLY A 70 -5.16 -5.20 -14.60
C GLY A 70 -4.16 -4.99 -13.47
N LEU A 71 -4.65 -4.72 -12.27
CA LEU A 71 -3.76 -4.43 -11.13
C LEU A 71 -3.14 -5.71 -10.59
N GLU A 72 -2.02 -6.10 -11.19
CA GLU A 72 -1.35 -7.35 -10.88
C GLU A 72 -0.66 -7.29 -9.52
N PHE A 73 -0.23 -6.09 -9.12
CA PHE A 73 0.40 -5.88 -7.82
C PHE A 73 -0.56 -5.26 -6.81
N ARG A 74 -1.84 -5.43 -7.10
CA ARG A 74 -2.92 -5.31 -6.11
C ARG A 74 -3.40 -3.90 -5.85
N THR A 75 -2.71 -2.93 -6.41
CA THR A 75 -3.03 -1.55 -6.12
C THR A 75 -2.42 -0.66 -7.21
N ILE A 76 -2.51 0.64 -7.01
CA ILE A 76 -2.10 1.61 -8.00
C ILE A 76 -0.72 2.14 -7.69
N PHE A 77 0.11 2.29 -8.72
CA PHE A 77 1.47 2.77 -8.53
C PHE A 77 1.73 4.12 -9.15
N PHE A 78 1.76 5.13 -8.30
CA PHE A 78 1.95 6.49 -8.77
C PHE A 78 3.35 6.71 -9.32
N SER A 79 4.33 5.99 -8.79
CA SER A 79 5.66 6.07 -9.38
C SER A 79 5.64 5.53 -10.80
N TYR A 80 4.87 4.49 -11.04
CA TYR A 80 4.81 3.88 -12.36
C TYR A 80 4.10 4.80 -13.35
N ILE A 81 2.93 5.27 -12.96
CA ILE A 81 2.14 6.22 -13.75
C ILE A 81 2.91 7.49 -14.06
N ARG A 82 3.70 8.00 -13.11
CA ARG A 82 4.48 9.21 -13.39
C ARG A 82 5.63 8.92 -14.35
N LYS A 83 6.20 7.73 -14.22
CA LYS A 83 7.35 7.33 -15.03
C LYS A 83 7.06 7.11 -16.53
N TYR A 84 5.99 6.37 -16.85
CA TYR A 84 5.75 5.98 -18.25
C TYR A 84 4.70 6.85 -18.94
N ASP A 85 5.15 7.50 -20.00
CA ASP A 85 4.39 8.56 -20.63
C ASP A 85 2.97 8.13 -20.99
N ALA A 86 2.84 6.95 -21.56
CA ALA A 86 1.52 6.46 -21.96
C ALA A 86 0.56 6.46 -20.77
N TYR A 87 1.06 6.09 -19.59
CA TYR A 87 0.18 6.01 -18.43
C TYR A 87 -0.06 7.38 -17.82
N TRP A 88 0.97 8.20 -17.82
CA TRP A 88 0.82 9.59 -17.39
C TRP A 88 -0.36 10.26 -18.11
N CYS A 89 -0.32 10.25 -19.44
CA CYS A 89 -1.36 10.90 -20.23
C CYS A 89 -2.72 10.33 -19.91
N LEU A 90 -2.79 9.00 -19.81
CA LEU A 90 -4.05 8.36 -19.48
C LEU A 90 -4.61 8.83 -18.14
N PHE A 91 -3.74 9.07 -17.15
CA PHE A 91 -4.23 9.27 -15.78
C PHE A 91 -4.00 10.63 -15.12
N GLU A 92 -3.09 11.42 -15.68
CA GLU A 92 -2.75 12.75 -15.20
C GLU A 92 -3.93 13.58 -14.64
N ASP A 93 -5.12 13.40 -15.19
CA ASP A 93 -6.31 14.14 -14.73
C ASP A 93 -6.95 13.49 -13.53
N LEU A 94 -6.81 12.18 -13.45
CA LEU A 94 -7.60 11.37 -12.52
C LEU A 94 -6.93 11.08 -11.18
N GLU A 95 -6.04 11.96 -10.72
CA GLU A 95 -5.28 11.64 -9.51
C GLU A 95 -6.18 11.47 -8.29
N LYS A 96 -7.14 12.38 -8.13
CA LYS A 96 -8.07 12.34 -7.00
C LYS A 96 -8.78 10.98 -6.84
N PRO A 97 -9.45 10.47 -7.89
CA PRO A 97 -10.10 9.18 -7.65
C PRO A 97 -9.11 8.01 -7.57
N LEU A 98 -7.91 8.15 -8.14
CA LEU A 98 -6.92 7.08 -8.02
C LEU A 98 -6.54 6.92 -6.55
N LYS A 99 -6.34 8.03 -5.86
CA LYS A 99 -6.00 8.00 -4.43
C LYS A 99 -7.07 7.27 -3.63
N SER A 100 -8.32 7.45 -4.02
CA SER A 100 -9.41 6.77 -3.34
C SER A 100 -9.33 5.26 -3.53
N ILE A 101 -9.13 4.80 -4.77
CA ILE A 101 -9.04 3.37 -5.05
C ILE A 101 -7.88 2.74 -4.25
N GLN A 102 -6.74 3.42 -4.24
CA GLN A 102 -5.58 2.91 -3.52
C GLN A 102 -5.86 2.81 -2.00
N PHE A 103 -6.55 3.81 -1.45
CA PHE A 103 -6.97 3.83 -0.05
C PHE A 103 -7.70 2.53 0.28
N PHE A 104 -8.71 2.23 -0.52
CA PHE A 104 -9.47 1.01 -0.36
C PHE A 104 -8.57 -0.21 -0.36
N THR A 105 -7.65 -0.26 -1.32
CA THR A 105 -6.78 -1.41 -1.43
C THR A 105 -5.84 -1.49 -0.23
N GLY A 106 -5.45 -0.35 0.30
CA GLY A 106 -4.70 -0.31 1.54
C GLY A 106 -5.49 -0.81 2.75
N LEU A 107 -6.66 -0.20 3.00
CA LEU A 107 -7.50 -0.49 4.19
C LEU A 107 -7.83 -1.96 4.36
N ILE A 108 -8.31 -2.61 3.31
CA ILE A 108 -8.75 -4.00 3.41
C ILE A 108 -7.58 -4.97 3.58
N ASP A 109 -6.38 -4.50 3.28
CA ASP A 109 -5.16 -5.30 3.43
C ASP A 109 -4.85 -5.44 4.92
N LEU A 110 -5.49 -4.61 5.74
CA LEU A 110 -5.41 -4.74 7.19
C LEU A 110 -6.08 -6.02 7.66
N LEU A 111 -6.83 -6.65 6.76
CA LEU A 111 -7.55 -7.88 7.08
C LEU A 111 -6.69 -9.12 6.87
N ASP A 112 -5.47 -8.94 6.36
CA ASP A 112 -4.60 -10.07 6.05
C ASP A 112 -4.06 -10.71 7.32
N ASN A 113 -4.67 -11.81 7.76
CA ASN A 113 -4.22 -12.44 9.00
C ASN A 113 -2.88 -13.18 8.92
N THR A 114 -2.16 -13.07 7.81
CA THR A 114 -0.80 -13.62 7.75
C THR A 114 0.20 -12.53 8.13
N ASN A 115 -0.29 -11.29 8.23
CA ASN A 115 0.55 -10.14 8.51
C ASN A 115 1.61 -9.82 7.43
N LYS A 116 1.43 -10.35 6.23
CA LYS A 116 2.32 -10.00 5.12
C LYS A 116 2.05 -8.58 4.59
N HIS A 117 0.80 -8.16 4.65
CA HIS A 117 0.38 -6.85 4.16
C HIS A 117 1.07 -6.44 2.86
N LEU A 118 0.99 -7.29 1.85
CA LEU A 118 1.63 -7.01 0.56
C LEU A 118 1.15 -5.69 -0.02
N THR A 119 -0.13 -5.37 0.16
CA THR A 119 -0.67 -4.16 -0.50
C THR A 119 -0.22 -2.90 0.21
N LEU A 120 -0.20 -2.93 1.53
CA LEU A 120 0.31 -1.80 2.29
C LEU A 120 1.81 -1.64 1.98
N ARG A 121 2.52 -2.77 1.88
CA ARG A 121 3.92 -2.69 1.50
C ARG A 121 4.08 -1.96 0.17
N SER A 122 3.23 -2.30 -0.80
CA SER A 122 3.29 -1.66 -2.11
C SER A 122 3.06 -0.18 -1.97
N ILE A 123 2.03 0.20 -1.21
CA ILE A 123 1.68 1.62 -1.12
C ILE A 123 2.79 2.42 -0.45
N VAL A 124 3.30 1.93 0.68
CA VAL A 124 4.42 2.59 1.36
C VAL A 124 5.66 2.75 0.45
N LEU A 125 6.07 1.67 -0.23
CA LEU A 125 7.23 1.73 -1.12
C LEU A 125 6.96 2.69 -2.27
N ASP A 126 5.74 2.68 -2.78
CA ASP A 126 5.39 3.57 -3.89
C ASP A 126 5.53 5.01 -3.45
N ALA A 127 5.00 5.32 -2.28
CA ALA A 127 5.16 6.65 -1.69
C ALA A 127 6.64 6.98 -1.55
N LEU A 128 7.42 6.04 -1.04
CA LEU A 128 8.84 6.28 -0.88
C LEU A 128 9.55 6.52 -2.19
N LEU A 129 9.04 5.92 -3.27
CA LEU A 129 9.68 6.02 -4.58
C LEU A 129 9.25 7.30 -5.27
N SER A 130 8.07 7.77 -4.91
CA SER A 130 7.47 8.90 -5.60
C SER A 130 8.07 10.22 -5.15
N ALA A 131 8.31 10.35 -3.86
CA ALA A 131 8.72 11.63 -3.31
C ALA A 131 10.10 12.09 -3.79
N ASP A 132 10.10 13.15 -4.58
CA ASP A 132 11.29 13.99 -4.72
C ASP A 132 10.98 15.20 -3.87
N GLU A 133 9.77 15.70 -4.07
CA GLU A 133 9.22 16.89 -3.43
C GLU A 133 9.54 16.94 -1.93
N GLU A 134 9.68 18.16 -1.41
CA GLU A 134 9.96 18.36 0.00
C GLU A 134 8.75 17.98 0.86
N ASP A 135 8.87 16.90 1.62
CA ASP A 135 7.81 16.42 2.54
C ASP A 135 8.37 15.69 3.76
N SER A 136 7.66 15.79 4.89
CA SER A 136 7.93 14.95 6.05
C SER A 136 6.86 13.87 6.12
N PHE A 137 6.10 13.78 5.03
CA PHE A 137 5.18 12.68 4.79
C PHE A 137 6.00 11.44 4.45
N TYR A 138 7.23 11.69 4.02
CA TYR A 138 8.22 10.65 3.83
C TYR A 138 8.50 9.96 5.16
N GLY A 139 8.85 10.76 6.17
CA GLY A 139 9.14 10.27 7.49
C GLY A 139 8.11 9.28 8.00
N ASP A 140 6.84 9.65 7.90
CA ASP A 140 5.72 8.75 8.22
C ASP A 140 5.76 7.44 7.41
N ALA A 141 6.20 7.51 6.15
CA ALA A 141 6.27 6.32 5.32
C ALA A 141 7.40 5.41 5.78
N LEU A 142 8.54 5.98 6.14
CA LEU A 142 9.62 5.19 6.73
C LEU A 142 9.15 4.48 7.99
N VAL A 143 8.38 5.17 8.82
CA VAL A 143 8.01 4.59 10.10
C VAL A 143 7.03 3.44 9.87
N LEU A 144 6.02 3.69 9.04
CA LEU A 144 5.07 2.66 8.70
C LEU A 144 5.80 1.48 8.02
N PHE A 145 6.86 1.79 7.27
CA PHE A 145 7.62 0.71 6.62
C PHE A 145 8.30 -0.19 7.64
N GLU A 146 8.89 0.41 8.67
CA GLU A 146 9.53 -0.41 9.71
C GLU A 146 8.53 -1.27 10.45
N GLU A 147 7.34 -0.77 10.68
CA GLU A 147 6.28 -1.55 11.28
C GLU A 147 5.86 -2.78 10.45
N LEU A 148 5.67 -2.57 9.13
CA LEU A 148 5.34 -3.68 8.24
C LEU A 148 6.47 -4.69 8.32
N VAL A 149 7.70 -4.22 8.46
CA VAL A 149 8.83 -5.14 8.55
C VAL A 149 8.72 -5.99 9.82
N ILE A 150 8.38 -5.36 10.94
CA ILE A 150 8.20 -6.07 12.21
C ILE A 150 7.08 -7.11 12.06
N ARG A 151 5.94 -6.65 11.55
CA ARG A 151 4.77 -7.50 11.39
C ARG A 151 5.10 -8.72 10.56
N TYR A 152 5.84 -8.54 9.47
CA TYR A 152 6.20 -9.69 8.66
C TYR A 152 7.07 -10.67 9.43
N PHE A 153 8.25 -10.20 9.87
CA PHE A 153 9.25 -11.08 10.47
C PHE A 153 8.95 -11.42 11.90
N GLY A 154 7.82 -10.95 12.42
CA GLY A 154 7.43 -11.28 13.77
C GLY A 154 6.49 -12.47 13.77
N THR A 155 5.99 -12.81 12.60
CA THR A 155 5.05 -13.91 12.44
C THR A 155 5.82 -15.12 11.95
N ASP A 156 5.92 -16.15 12.79
CA ASP A 156 6.90 -17.20 12.55
C ASP A 156 6.53 -18.17 11.43
N SER A 157 5.30 -18.10 10.96
CA SER A 157 4.90 -18.91 9.81
C SER A 157 5.27 -18.23 8.49
N ASN A 158 5.77 -16.99 8.57
CA ASN A 158 6.23 -16.28 7.36
C ASN A 158 7.69 -16.60 7.06
N PRO A 159 7.97 -17.05 5.83
CA PRO A 159 9.33 -17.51 5.50
C PRO A 159 10.36 -16.39 5.51
N SER A 160 11.58 -16.74 5.92
CA SER A 160 12.69 -15.81 5.87
C SER A 160 12.89 -15.39 4.42
N ILE A 161 13.00 -14.09 4.19
CA ILE A 161 13.26 -13.59 2.86
C ILE A 161 14.22 -12.40 2.92
N ASP A 162 15.02 -12.24 1.87
CA ASP A 162 16.01 -11.18 1.73
C ASP A 162 15.35 -9.84 1.59
N ALA A 163 16.10 -8.78 1.82
CA ALA A 163 15.55 -7.45 1.67
C ALA A 163 15.06 -7.20 0.23
N SER A 164 15.77 -7.78 -0.74
CA SER A 164 15.48 -7.62 -2.18
C SER A 164 14.14 -8.18 -2.55
N GLU A 165 13.91 -9.39 -2.04
CA GLU A 165 12.69 -10.12 -2.33
C GLU A 165 11.56 -9.43 -1.57
N PHE A 166 11.82 -8.99 -0.35
CA PHE A 166 10.82 -8.27 0.46
C PHE A 166 10.32 -7.02 -0.26
N ILE A 167 11.23 -6.30 -0.90
CA ILE A 167 10.91 -5.06 -1.61
C ILE A 167 10.28 -5.30 -2.99
N LEU A 168 10.95 -6.08 -3.83
CA LEU A 168 10.55 -6.24 -5.23
C LEU A 168 9.30 -7.10 -5.48
N SER A 169 9.03 -8.04 -4.58
CA SER A 169 7.88 -8.90 -4.72
C SER A 169 6.57 -8.09 -4.69
N CYS A 170 6.60 -6.85 -4.22
CA CYS A 170 5.41 -6.01 -4.16
CA CYS A 170 5.37 -6.07 -4.25
C CYS A 170 5.50 -4.79 -5.08
N LEU A 171 6.47 -4.77 -6.00
CA LEU A 171 6.62 -3.64 -6.92
C LEU A 171 6.60 -4.11 -8.37
N PRO A 172 6.05 -3.28 -9.28
CA PRO A 172 6.00 -3.64 -10.69
C PRO A 172 7.34 -3.27 -11.33
N TYR A 173 8.40 -3.51 -10.56
CA TYR A 173 9.75 -3.32 -11.03
C TYR A 173 10.52 -4.61 -10.80
N THR A 174 11.57 -4.78 -11.59
CA THR A 174 12.26 -6.05 -11.74
C THR A 174 13.59 -6.13 -10.99
N SER A 175 14.15 -4.99 -10.60
CA SER A 175 15.42 -5.02 -9.88
C SER A 175 15.57 -3.79 -9.02
N LEU A 176 16.46 -3.88 -8.03
CA LEU A 176 16.77 -2.73 -7.18
C LEU A 176 17.35 -1.56 -7.99
N ASP A 177 18.16 -1.87 -8.99
CA ASP A 177 18.73 -0.82 -9.82
C ASP A 177 17.62 -0.04 -10.51
N ALA A 178 16.69 -0.80 -11.07
CA ALA A 178 15.54 -0.26 -11.77
C ALA A 178 14.81 0.77 -10.94
N LEU A 179 14.73 0.53 -9.63
CA LEU A 179 14.09 1.50 -8.76
C LEU A 179 14.79 2.85 -8.86
N ASN A 180 16.10 2.85 -9.07
CA ASN A 180 16.85 4.10 -9.20
C ASN A 180 16.46 4.87 -10.47
N VAL A 181 15.88 4.13 -11.42
CA VAL A 181 15.49 4.71 -12.70
C VAL A 181 14.11 5.36 -12.61
N VAL A 182 13.25 4.86 -11.72
CA VAL A 182 11.89 5.38 -11.62
C VAL A 182 11.61 6.26 -10.40
N CYS A 183 12.58 6.37 -9.50
CA CYS A 183 12.32 7.05 -8.23
C CYS A 183 12.38 8.57 -8.31
N GLY A 184 11.89 9.24 -7.26
CA GLY A 184 12.08 10.67 -7.11
C GLY A 184 13.42 11.00 -6.48
N GLN A 185 13.60 12.26 -6.09
CA GLN A 185 14.87 12.73 -5.56
C GLN A 185 15.26 12.04 -4.26
N VAL A 186 14.29 11.88 -3.36
CA VAL A 186 14.60 11.44 -2.01
C VAL A 186 15.24 10.06 -2.00
N TRP A 187 14.77 9.19 -2.89
CA TRP A 187 15.21 7.81 -2.91
C TRP A 187 16.69 7.69 -3.16
N LYS A 188 17.17 8.37 -4.19
CA LYS A 188 18.60 8.41 -4.45
C LYS A 188 19.34 9.26 -3.42
N SER A 189 18.81 10.47 -3.17
CA SER A 189 19.51 11.45 -2.34
C SER A 189 19.80 10.97 -0.92
N GLN A 190 18.80 10.36 -0.28
CA GLN A 190 19.00 9.92 1.10
C GLN A 190 19.35 8.46 1.18
N LYS A 191 19.77 7.89 0.05
CA LYS A 191 20.15 6.47 0.01
C LYS A 191 19.09 5.59 0.67
N ILE A 192 17.83 5.83 0.30
CA ILE A 192 16.69 5.15 0.95
C ILE A 192 16.78 3.63 0.89
N CYS A 193 17.23 3.09 -0.23
CA CYS A 193 17.25 1.64 -0.41
C CYS A 193 18.14 0.97 0.62
N ASP A 194 19.27 1.60 0.89
CA ASP A 194 20.22 1.11 1.88
C ASP A 194 19.58 1.17 3.26
N PHE A 195 18.83 2.23 3.53
CA PHE A 195 18.11 2.32 4.80
C PHE A 195 17.13 1.14 4.96
N LEU A 196 16.42 0.80 3.88
CA LEU A 196 15.43 -0.27 3.92
C LEU A 196 16.12 -1.61 4.09
N LYS A 197 17.21 -1.82 3.34
CA LYS A 197 17.93 -3.09 3.45
C LYS A 197 18.50 -3.26 4.86
N SER A 198 18.95 -2.15 5.43
CA SER A 198 19.44 -2.14 6.80
C SER A 198 18.32 -2.48 7.76
N THR A 199 17.20 -1.76 7.64
CA THR A 199 16.11 -1.91 8.58
C THR A 199 15.70 -3.37 8.56
N ILE A 200 15.61 -3.93 7.36
CA ILE A 200 15.10 -5.27 7.18
C ILE A 200 16.09 -6.27 7.78
N GLY A 201 17.38 -6.02 7.59
CA GLY A 201 18.40 -6.89 8.17
C GLY A 201 18.39 -6.91 9.69
N ASN A 202 18.24 -5.74 10.29
CA ASN A 202 18.28 -5.62 11.74
C ASN A 202 17.03 -6.17 12.41
N THR A 203 15.88 -5.92 11.81
CA THR A 203 14.61 -6.37 12.36
C THR A 203 14.48 -7.90 12.41
N SER A 204 15.04 -8.59 11.43
CA SER A 204 15.01 -10.06 11.42
C SER A 204 16.17 -10.66 12.20
N ASN A 205 17.08 -9.82 12.68
CA ASN A 205 18.14 -10.26 13.57
C ASN A 205 17.79 -10.04 15.04
N SER A 206 16.85 -9.14 15.30
CA SER A 206 16.60 -8.67 16.66
C SER A 206 15.62 -9.54 17.44
N PRO A 207 16.05 -10.00 18.63
CA PRO A 207 15.18 -10.79 19.50
C PRO A 207 14.02 -9.93 20.02
N LEU A 208 14.23 -8.62 20.07
CA LEU A 208 13.15 -7.71 20.40
C LEU A 208 12.26 -7.60 19.18
N GLN A 209 10.95 -7.74 19.39
CA GLN A 209 9.99 -7.58 18.32
C GLN A 209 8.90 -6.64 18.84
N LEU A 210 9.32 -5.40 19.10
CA LEU A 210 8.44 -4.39 19.65
C LEU A 210 7.38 -4.01 18.65
N ARG A 211 6.46 -4.93 18.42
CA ARG A 211 5.41 -4.73 17.42
C ARG A 211 4.40 -3.77 18.04
N ALA A 212 3.80 -2.90 17.23
CA ALA A 212 2.75 -2.05 17.78
C ALA A 212 1.43 -2.80 17.92
N SER A 213 0.55 -2.28 18.76
CA SER A 213 -0.78 -2.84 18.89
C SER A 213 -1.52 -2.62 17.58
N PHE A 214 -2.39 -3.57 17.25
CA PHE A 214 -3.18 -3.50 16.03
C PHE A 214 -4.01 -2.22 15.91
N PRO A 215 -4.78 -1.84 16.94
CA PRO A 215 -5.58 -0.63 16.78
C PRO A 215 -4.73 0.60 16.56
N ALA A 216 -3.49 0.53 17.02
CA ALA A 216 -2.58 1.63 16.81
C ALA A 216 -1.99 1.52 15.41
N PHE A 217 -1.72 0.30 14.99
CA PHE A 217 -1.27 0.04 13.63
C PHE A 217 -2.31 0.58 12.67
N VAL A 218 -3.54 0.13 12.85
CA VAL A 218 -4.65 0.51 12.00
C VAL A 218 -4.78 2.01 11.95
N ASN A 219 -4.81 2.65 13.11
CA ASN A 219 -4.91 4.10 13.13
C ASN A 219 -3.74 4.79 12.42
N ALA A 220 -2.54 4.23 12.52
CA ALA A 220 -1.42 4.83 11.79
C ALA A 220 -1.61 4.61 10.27
N VAL A 221 -2.17 3.46 9.88
CA VAL A 221 -2.37 3.17 8.46
C VAL A 221 -3.38 4.16 7.89
N ILE A 222 -4.54 4.23 8.52
CA ILE A 222 -5.60 5.14 8.11
C ILE A 222 -5.07 6.55 8.03
N HIS A 223 -4.34 6.97 9.05
CA HIS A 223 -3.76 8.29 9.04
C HIS A 223 -2.90 8.48 7.79
N PHE A 224 -2.01 7.51 7.54
CA PHE A 224 -1.06 7.62 6.44
C PHE A 224 -1.72 7.65 5.07
N LEU A 225 -2.73 6.80 4.88
CA LEU A 225 -3.48 6.79 3.62
C LEU A 225 -4.26 8.08 3.45
N LEU A 226 -4.50 8.79 4.54
CA LEU A 226 -5.22 10.07 4.47
C LEU A 226 -4.30 11.21 4.05
N GLU A 227 -3.11 11.30 4.65
CA GLU A 227 -2.10 12.26 4.22
C GLU A 227 -1.82 12.10 2.73
N PHE A 228 -1.58 10.84 2.33
CA PHE A 228 -1.34 10.50 0.93
C PHE A 228 -2.48 11.09 0.09
N LYS A 229 -3.71 10.95 0.57
CA LYS A 229 -4.91 11.34 -0.19
C LYS A 229 -5.05 12.85 -0.44
N ASN A 230 -4.33 13.68 0.31
CA ASN A 230 -4.30 15.10 -0.02
C ASN A 230 -2.91 15.60 -0.45
N VAL A 231 -2.15 14.72 -1.09
CA VAL A 231 -0.86 15.06 -1.69
C VAL A 231 -0.92 14.93 -3.22
N ARG A 232 -0.41 15.92 -3.94
CA ARG A 232 -0.37 15.84 -5.40
C ARG A 232 0.82 15.02 -5.88
N ARG A 233 0.56 13.78 -6.27
CA ARG A 233 1.64 12.88 -6.65
C ARG A 233 2.01 12.98 -8.12
N LEU A 234 1.01 13.12 -8.98
CA LEU A 234 1.29 13.23 -10.41
C LEU A 234 1.98 14.54 -10.74
N GLU A 235 3.31 14.45 -10.85
CA GLU A 235 4.20 15.60 -11.00
C GLU A 235 3.94 16.70 -9.96
MG MG B . 8.56 -7.09 -9.12
CO CO C . 8.71 0.21 17.25
#